data_1G4W
#
_entry.id   1G4W
#
_cell.length_a   34.966
_cell.length_b   153.611
_cell.length_c   175.465
_cell.angle_alpha   90.00
_cell.angle_beta   90.00
_cell.angle_gamma   90.00
#
_symmetry.space_group_name_H-M   'I 2 2 2'
#
loop_
_entity.id
_entity.type
_entity.pdbx_description
1 polymer 'PROTEIN TYROSINE PHOSPHATASE SPTP'
2 water water
#
_entity_poly.entity_id   1
_entity_poly.type   'polypeptide(L)'
_entity_poly.pdbx_seq_one_letter_code
;NDVGAESKQPLLDIALKGLKRTLPQLEQMDGNSLRENFQEMASGNGPLRSLMTNLQNLNKIPEAKQLNDYVTTLTNIQVG
VARFSQWGTCGGEVERWVDKASTHELTQAVKKIHVIAKELKNVTAELEKIEAGAPMPQTMSGPTLGLARFAVSSIPINQQ
TQVKLSDGMPVPVNTLTFDGKPVALAGSYPKNTPDALEAHMKMLLEKECSCLVVLTSEDQMQAKQLPPYFRGSYTFGEVH
TNSQKVSSASQGEAIDQYNMQLSCGEKRYTIPVLHVKNWPDHQPLPSTDQLEYLADRVKNSNQNGAPGRSSSDKHLPMIH
CLGGVGRTGTMAAALVLKDNPHSNLEQVRADFRDSRNNRMLEDASQFVQLKAMQAQLLMTTAS
;
_entity_poly.pdbx_strand_id   R
#
# COMPACT_ATOMS: atom_id res chain seq x y z
N LEU A 11 -32.49 4.81 -12.63
CA LEU A 11 -32.01 3.44 -12.26
C LEU A 11 -31.26 3.46 -10.93
N LEU A 12 -30.64 4.60 -10.63
CA LEU A 12 -29.88 4.75 -9.40
C LEU A 12 -30.78 5.12 -8.22
N ASP A 13 -32.04 5.43 -8.51
CA ASP A 13 -32.99 5.79 -7.46
C ASP A 13 -33.19 4.54 -6.60
N ILE A 14 -33.05 3.39 -7.24
CA ILE A 14 -33.22 2.09 -6.59
C ILE A 14 -31.90 1.62 -6.00
N ALA A 15 -30.86 1.59 -6.83
CA ALA A 15 -29.54 1.15 -6.40
C ALA A 15 -28.99 2.00 -5.27
N LEU A 16 -29.74 3.03 -4.86
CA LEU A 16 -29.31 3.89 -3.78
C LEU A 16 -30.14 3.61 -2.54
N LYS A 17 -31.45 3.64 -2.69
CA LYS A 17 -32.35 3.37 -1.57
C LYS A 17 -32.21 1.90 -1.19
N GLY A 18 -32.16 1.05 -2.21
CA GLY A 18 -32.02 -0.39 -1.99
C GLY A 18 -30.63 -0.76 -1.48
N LEU A 19 -29.85 0.27 -1.17
CA LEU A 19 -28.50 0.10 -0.67
C LEU A 19 -28.39 0.87 0.64
N LYS A 20 -29.31 1.82 0.84
CA LYS A 20 -29.33 2.64 2.04
C LYS A 20 -30.13 1.94 3.15
N ARG A 21 -30.64 0.75 2.84
CA ARG A 21 -31.41 -0.04 3.79
C ARG A 21 -30.79 -1.42 3.96
N THR A 22 -30.26 -1.97 2.86
CA THR A 22 -29.65 -3.29 2.88
C THR A 22 -28.33 -3.31 3.67
N LEU A 23 -27.60 -2.21 3.65
CA LEU A 23 -26.34 -2.12 4.37
C LEU A 23 -26.53 -2.27 5.88
N PRO A 24 -27.30 -1.36 6.51
CA PRO A 24 -27.51 -1.45 7.95
C PRO A 24 -27.95 -2.84 8.41
N GLN A 25 -28.37 -3.68 7.46
CA GLN A 25 -28.80 -5.03 7.77
C GLN A 25 -27.57 -5.89 8.06
N LEU A 26 -26.61 -5.85 7.14
CA LEU A 26 -25.36 -6.60 7.29
C LEU A 26 -24.58 -5.98 8.44
N GLU A 27 -24.67 -4.66 8.55
CA GLU A 27 -24.01 -3.90 9.61
C GLU A 27 -24.32 -4.60 10.93
N GLN A 28 -25.61 -4.86 11.14
CA GLN A 28 -26.07 -5.52 12.35
C GLN A 28 -26.24 -7.00 12.05
N MET A 29 -25.19 -7.77 12.23
CA MET A 29 -25.23 -9.21 11.97
C MET A 29 -24.21 -9.95 12.82
N ASP A 30 -24.61 -11.10 13.34
CA ASP A 30 -23.73 -11.92 14.17
C ASP A 30 -23.14 -13.05 13.35
N GLY A 31 -22.40 -13.93 14.04
CA GLY A 31 -21.80 -15.07 13.37
C GLY A 31 -22.84 -16.11 13.04
N ASN A 32 -23.53 -16.62 14.05
CA ASN A 32 -24.55 -17.64 13.83
C ASN A 32 -25.75 -17.02 13.12
N SER A 33 -25.80 -15.69 13.09
CA SER A 33 -26.88 -14.99 12.40
C SER A 33 -26.62 -15.04 10.91
N LEU A 34 -25.77 -15.99 10.51
CA LEU A 34 -25.39 -16.17 9.11
C LEU A 34 -25.57 -17.64 8.75
N ARG A 35 -26.20 -18.39 9.65
CA ARG A 35 -26.46 -19.81 9.43
C ARG A 35 -27.88 -20.19 9.81
N PRO A 47 -31.18 -9.34 1.28
CA PRO A 47 -30.20 -8.27 1.49
C PRO A 47 -28.88 -8.50 0.74
N LEU A 48 -28.27 -9.66 0.96
CA LEU A 48 -27.02 -9.98 0.29
C LEU A 48 -27.23 -10.18 -1.21
N ARG A 49 -28.34 -10.83 -1.57
CA ARG A 49 -28.63 -11.05 -2.98
C ARG A 49 -29.19 -9.75 -3.56
N SER A 50 -29.74 -8.91 -2.69
CA SER A 50 -30.30 -7.63 -3.09
C SER A 50 -29.17 -6.60 -3.26
N LEU A 51 -28.33 -6.49 -2.24
CA LEU A 51 -27.19 -5.56 -2.27
C LEU A 51 -26.42 -5.67 -3.57
N MET A 52 -25.95 -6.87 -3.90
CA MET A 52 -25.19 -7.07 -5.12
C MET A 52 -25.98 -6.68 -6.37
N THR A 53 -27.30 -6.73 -6.28
CA THR A 53 -28.17 -6.37 -7.41
C THR A 53 -28.05 -4.89 -7.71
N ASN A 54 -28.09 -4.07 -6.68
CA ASN A 54 -27.98 -2.63 -6.84
C ASN A 54 -26.63 -2.28 -7.46
N LEU A 55 -25.57 -2.91 -6.95
CA LEU A 55 -24.21 -2.69 -7.44
C LEU A 55 -24.07 -3.04 -8.91
N GLN A 56 -24.54 -4.23 -9.29
CA GLN A 56 -24.48 -4.68 -10.68
C GLN A 56 -25.18 -3.67 -11.59
N ASN A 57 -26.24 -3.06 -11.07
CA ASN A 57 -27.00 -2.09 -11.83
C ASN A 57 -26.16 -0.84 -12.10
N LEU A 58 -25.55 -0.30 -11.04
CA LEU A 58 -24.70 0.87 -11.17
C LEU A 58 -23.67 0.59 -12.26
N ASN A 59 -23.24 -0.67 -12.32
CA ASN A 59 -22.25 -1.11 -13.29
C ASN A 59 -22.76 -0.94 -14.72
N LYS A 65 -18.80 5.05 -13.19
CA LYS A 65 -17.58 4.45 -13.70
C LYS A 65 -16.50 4.38 -12.63
N GLN A 66 -15.95 5.53 -12.27
CA GLN A 66 -14.92 5.57 -11.25
C GLN A 66 -15.54 5.10 -9.93
N LEU A 67 -16.87 5.00 -9.93
CA LEU A 67 -17.60 4.56 -8.76
C LEU A 67 -17.80 3.06 -8.88
N ASN A 68 -17.87 2.58 -10.12
CA ASN A 68 -18.05 1.16 -10.38
C ASN A 68 -16.76 0.39 -10.08
N ASP A 69 -15.61 0.98 -10.44
CA ASP A 69 -14.35 0.31 -10.17
C ASP A 69 -14.12 0.24 -8.67
N TYR A 70 -14.58 1.26 -7.95
CA TYR A 70 -14.46 1.32 -6.50
C TYR A 70 -15.26 0.15 -5.94
N VAL A 71 -16.47 -0.04 -6.46
CA VAL A 71 -17.35 -1.11 -6.01
C VAL A 71 -16.80 -2.47 -6.43
N THR A 72 -16.27 -2.56 -7.64
CA THR A 72 -15.71 -3.82 -8.14
C THR A 72 -14.63 -4.32 -7.19
N THR A 73 -13.76 -3.42 -6.76
CA THR A 73 -12.68 -3.78 -5.84
C THR A 73 -13.23 -4.35 -4.54
N LEU A 74 -14.13 -3.61 -3.90
CA LEU A 74 -14.72 -4.05 -2.64
C LEU A 74 -15.40 -5.41 -2.79
N THR A 75 -16.29 -5.47 -3.77
CA THR A 75 -17.06 -6.68 -4.05
C THR A 75 -16.19 -7.88 -4.37
N ASN A 76 -14.94 -7.64 -4.73
CA ASN A 76 -14.03 -8.71 -5.09
C ASN A 76 -13.17 -9.25 -3.95
N ILE A 77 -13.36 -8.71 -2.75
CA ILE A 77 -12.61 -9.17 -1.58
C ILE A 77 -13.10 -10.57 -1.18
N GLN A 78 -12.17 -11.50 -1.00
CA GLN A 78 -12.54 -12.86 -0.64
C GLN A 78 -13.09 -12.99 0.78
N VAL A 79 -14.25 -13.63 0.89
CA VAL A 79 -14.92 -13.85 2.16
C VAL A 79 -15.30 -15.32 2.27
N GLY A 80 -14.31 -16.16 2.56
CA GLY A 80 -14.55 -17.59 2.67
C GLY A 80 -14.01 -18.32 1.47
N VAL A 81 -12.73 -18.09 1.17
CA VAL A 81 -12.05 -18.72 0.04
C VAL A 81 -12.88 -18.57 -1.25
N ALA A 82 -13.73 -17.55 -1.28
CA ALA A 82 -14.57 -17.27 -2.43
C ALA A 82 -14.43 -15.82 -2.87
N ARG A 83 -15.51 -15.05 -2.72
CA ARG A 83 -15.53 -13.64 -3.09
C ARG A 83 -16.88 -13.10 -2.64
N PHE A 84 -16.92 -11.85 -2.19
CA PHE A 84 -18.17 -11.28 -1.73
C PHE A 84 -19.20 -11.27 -2.84
N SER A 85 -18.74 -11.23 -4.09
CA SER A 85 -19.61 -11.21 -5.25
C SER A 85 -20.12 -12.62 -5.54
N GLN A 86 -20.15 -13.45 -4.51
CA GLN A 86 -20.60 -14.82 -4.63
C GLN A 86 -21.76 -14.98 -3.66
N TRP A 87 -21.75 -14.15 -2.62
CA TRP A 87 -22.77 -14.16 -1.59
C TRP A 87 -24.05 -13.51 -2.11
N GLU A 93 -20.64 -21.86 -4.00
CA GLU A 93 -19.74 -22.61 -3.13
C GLU A 93 -19.74 -22.03 -1.73
N VAL A 94 -20.38 -20.87 -1.57
CA VAL A 94 -20.45 -20.21 -0.28
C VAL A 94 -21.36 -20.95 0.70
N GLU A 95 -22.40 -21.59 0.17
CA GLU A 95 -23.34 -22.33 1.00
C GLU A 95 -22.68 -23.61 1.51
N ARG A 96 -21.94 -24.27 0.63
CA ARG A 96 -21.24 -25.50 0.99
C ARG A 96 -20.21 -25.20 2.07
N TRP A 97 -19.78 -23.94 2.12
CA TRP A 97 -18.77 -23.51 3.07
C TRP A 97 -19.36 -23.06 4.41
N VAL A 98 -20.53 -22.41 4.38
CA VAL A 98 -21.17 -21.93 5.60
C VAL A 98 -21.57 -23.04 6.57
N ASP A 99 -22.34 -24.01 6.10
CA ASP A 99 -22.77 -25.12 6.94
C ASP A 99 -21.58 -25.90 7.47
N ALA A 101 -17.77 -25.57 8.22
CA ALA A 101 -17.25 -24.38 8.89
C ALA A 101 -17.46 -24.47 10.39
N SER A 102 -16.79 -23.59 11.14
CA SER A 102 -16.91 -23.56 12.59
C SER A 102 -17.38 -22.18 13.02
N THR A 103 -17.88 -22.08 14.24
CA THR A 103 -18.38 -20.81 14.76
C THR A 103 -17.33 -19.73 14.53
N HIS A 104 -16.06 -20.12 14.61
CA HIS A 104 -14.94 -19.22 14.43
C HIS A 104 -14.76 -18.82 12.96
N GLU A 105 -14.92 -19.79 12.05
CA GLU A 105 -14.75 -19.52 10.64
C GLU A 105 -15.84 -18.62 10.06
N LEU A 106 -16.92 -18.43 10.81
CA LEU A 106 -18.02 -17.58 10.35
C LEU A 106 -17.91 -16.17 10.92
N THR A 107 -17.31 -16.05 12.10
CA THR A 107 -17.15 -14.75 12.71
C THR A 107 -16.11 -13.97 11.91
N GLN A 108 -15.11 -14.67 11.39
CA GLN A 108 -14.07 -14.03 10.59
C GLN A 108 -14.64 -13.55 9.26
N ALA A 109 -15.77 -14.12 8.86
CA ALA A 109 -16.42 -13.71 7.61
C ALA A 109 -17.32 -12.52 7.90
N VAL A 110 -18.10 -12.62 8.96
CA VAL A 110 -18.99 -11.54 9.36
C VAL A 110 -18.19 -10.28 9.57
N LYS A 111 -17.03 -10.43 10.22
CA LYS A 111 -16.15 -9.30 10.49
C LYS A 111 -15.68 -8.68 9.18
N LYS A 112 -15.43 -9.54 8.19
CA LYS A 112 -14.99 -9.07 6.90
C LYS A 112 -16.18 -8.37 6.23
N ILE A 113 -17.37 -8.93 6.43
CA ILE A 113 -18.58 -8.35 5.84
C ILE A 113 -18.88 -7.00 6.47
N HIS A 114 -18.48 -6.81 7.73
CA HIS A 114 -18.69 -5.53 8.40
C HIS A 114 -17.80 -4.48 7.76
N VAL A 115 -16.56 -4.87 7.46
CA VAL A 115 -15.57 -3.97 6.86
C VAL A 115 -16.03 -3.49 5.49
N ILE A 116 -16.47 -4.41 4.65
CA ILE A 116 -16.92 -4.03 3.32
C ILE A 116 -18.14 -3.10 3.39
N ALA A 117 -19.14 -3.51 4.15
CA ALA A 117 -20.36 -2.72 4.32
C ALA A 117 -20.00 -1.32 4.77
N LYS A 118 -19.06 -1.23 5.73
CA LYS A 118 -18.61 0.06 6.25
C LYS A 118 -18.09 0.92 5.10
N GLU A 119 -17.29 0.32 4.22
CA GLU A 119 -16.74 1.05 3.08
C GLU A 119 -17.87 1.44 2.12
N LEU A 120 -18.74 0.49 1.80
CA LEU A 120 -19.86 0.75 0.89
C LEU A 120 -20.66 1.99 1.27
N LYS A 121 -20.66 2.35 2.54
CA LYS A 121 -21.39 3.54 2.98
C LYS A 121 -20.87 4.76 2.25
N ASN A 122 -19.71 4.62 1.63
CA ASN A 122 -19.08 5.68 0.87
C ASN A 122 -19.80 5.85 -0.45
N VAL A 123 -20.15 4.72 -1.08
CA VAL A 123 -20.86 4.76 -2.35
C VAL A 123 -22.21 5.42 -2.10
N THR A 124 -22.81 5.08 -0.95
CA THR A 124 -24.09 5.62 -0.54
C THR A 124 -24.02 7.14 -0.55
N ALA A 125 -22.95 7.69 0.00
CA ALA A 125 -22.76 9.12 0.07
C ALA A 125 -22.49 9.72 -1.31
N GLU A 126 -21.69 9.03 -2.12
CA GLU A 126 -21.37 9.51 -3.45
C GLU A 126 -22.60 9.56 -4.34
N LEU A 127 -23.57 8.69 -4.06
CA LEU A 127 -24.80 8.66 -4.84
C LEU A 127 -25.75 9.68 -4.23
N GLU A 128 -25.85 9.64 -2.90
CA GLU A 128 -26.71 10.54 -2.15
C GLU A 128 -26.23 11.97 -2.38
N LYS A 129 -25.03 12.08 -2.93
CA LYS A 129 -24.43 13.37 -3.22
C LYS A 129 -24.91 13.80 -4.62
N ILE A 130 -26.07 13.30 -5.03
CA ILE A 130 -26.63 13.64 -6.33
C ILE A 130 -28.13 13.93 -6.25
N PRO A 137 -18.37 12.36 -10.86
CA PRO A 137 -17.47 11.40 -10.20
C PRO A 137 -16.36 10.94 -11.14
N GLN A 138 -15.44 11.85 -11.46
CA GLN A 138 -14.33 11.55 -12.37
C GLN A 138 -13.12 10.95 -11.68
N THR A 139 -12.94 11.26 -10.40
CA THR A 139 -11.79 10.74 -9.64
C THR A 139 -12.17 10.12 -8.30
N MET A 140 -11.68 8.91 -8.08
CA MET A 140 -11.96 8.19 -6.84
C MET A 140 -10.72 7.49 -6.33
N SER A 141 -10.39 7.72 -5.07
CA SER A 141 -9.24 7.05 -4.49
C SER A 141 -9.66 5.60 -4.26
N GLY A 142 -8.70 4.69 -4.26
CA GLY A 142 -9.01 3.30 -4.03
C GLY A 142 -9.63 3.13 -2.66
N PRO A 143 -10.26 1.99 -2.39
CA PRO A 143 -10.85 1.83 -1.06
C PRO A 143 -9.82 1.66 0.06
N THR A 144 -10.08 2.33 1.18
CA THR A 144 -9.24 2.27 2.37
C THR A 144 -10.17 1.68 3.41
N LEU A 145 -9.86 0.51 3.94
CA LEU A 145 -10.75 -0.07 4.93
C LEU A 145 -10.41 0.52 6.28
N GLY A 146 -10.18 1.83 6.32
CA GLY A 146 -9.81 2.48 7.57
C GLY A 146 -8.38 2.13 7.97
N LEU A 147 -7.69 1.44 7.07
CA LEU A 147 -6.31 1.02 7.31
C LEU A 147 -5.28 2.07 6.92
N ALA A 148 -5.72 3.14 6.26
CA ALA A 148 -4.80 4.18 5.82
C ALA A 148 -4.47 5.16 6.94
N ARG A 149 -3.21 5.53 7.03
CA ARG A 149 -2.73 6.46 8.05
C ARG A 149 -3.29 7.86 7.89
N PHE A 150 -3.28 8.36 6.67
CA PHE A 150 -3.77 9.69 6.36
C PHE A 150 -5.01 9.56 5.49
N ALA A 151 -5.93 10.51 5.60
CA ALA A 151 -7.15 10.52 4.81
C ALA A 151 -6.83 10.74 3.33
N VAL A 152 -7.62 10.14 2.44
CA VAL A 152 -7.38 10.28 1.01
C VAL A 152 -7.55 11.70 0.53
N SER A 153 -8.30 12.49 1.29
CA SER A 153 -8.51 13.90 0.96
C SER A 153 -7.18 14.66 1.04
N SER A 154 -6.24 14.12 1.83
CA SER A 154 -4.91 14.72 1.98
C SER A 154 -3.86 13.95 1.15
N ILE A 155 -3.91 12.62 1.26
CA ILE A 155 -2.99 11.71 0.55
C ILE A 155 -3.85 10.73 -0.25
N PRO A 156 -4.25 11.11 -1.47
CA PRO A 156 -5.07 10.19 -2.26
C PRO A 156 -4.37 8.96 -2.79
N ILE A 157 -5.13 7.91 -3.02
CA ILE A 157 -4.55 6.68 -3.52
C ILE A 157 -5.18 6.33 -4.86
N ASN A 158 -4.41 6.54 -5.94
CA ASN A 158 -4.86 6.24 -7.31
C ASN A 158 -5.39 4.82 -7.29
N GLN A 159 -6.53 4.62 -7.92
CA GLN A 159 -7.20 3.31 -7.92
C GLN A 159 -6.57 2.16 -8.70
N GLN A 160 -6.33 2.36 -9.99
CA GLN A 160 -5.76 1.32 -10.85
C GLN A 160 -4.38 0.80 -10.46
N THR A 161 -3.66 1.53 -9.61
CA THR A 161 -2.33 1.09 -9.19
C THR A 161 -2.26 0.71 -7.72
N GLN A 162 -3.41 0.68 -7.06
CA GLN A 162 -3.45 0.34 -5.64
C GLN A 162 -3.14 -1.12 -5.43
N VAL A 163 -2.19 -1.41 -4.56
CA VAL A 163 -1.83 -2.78 -4.27
C VAL A 163 -2.98 -3.51 -3.60
N LYS A 164 -3.10 -4.79 -3.92
CA LYS A 164 -4.14 -5.66 -3.35
C LYS A 164 -3.46 -6.99 -3.01
N LEU A 165 -3.90 -7.62 -1.92
CA LEU A 165 -3.34 -8.91 -1.50
C LEU A 165 -3.97 -10.05 -2.30
N SER A 166 -3.44 -11.27 -2.12
CA SER A 166 -3.95 -12.44 -2.83
C SER A 166 -5.44 -12.59 -2.65
N ASP A 167 -5.93 -12.28 -1.46
CA ASP A 167 -7.36 -12.37 -1.20
C ASP A 167 -8.08 -11.10 -1.68
N GLY A 168 -7.38 -10.27 -2.46
CA GLY A 168 -7.99 -9.06 -2.97
C GLY A 168 -8.20 -7.93 -1.98
N MET A 169 -7.67 -8.07 -0.77
CA MET A 169 -7.83 -7.00 0.21
C MET A 169 -6.94 -5.86 -0.25
N PRO A 170 -7.50 -4.64 -0.34
CA PRO A 170 -6.71 -3.49 -0.77
C PRO A 170 -5.89 -2.91 0.39
N VAL A 171 -4.68 -2.47 0.09
CA VAL A 171 -3.81 -1.88 1.12
C VAL A 171 -3.51 -0.44 0.73
N PRO A 172 -3.11 0.38 1.70
CA PRO A 172 -2.80 1.79 1.43
C PRO A 172 -1.42 1.94 0.84
N VAL A 173 -1.25 1.35 -0.34
CA VAL A 173 0.00 1.37 -1.08
C VAL A 173 -0.27 1.40 -2.58
N ASN A 174 0.58 2.11 -3.32
CA ASN A 174 0.44 2.24 -4.77
C ASN A 174 1.67 1.73 -5.50
N THR A 175 1.48 1.16 -6.68
CA THR A 175 2.60 0.70 -7.47
C THR A 175 3.03 1.84 -8.39
N LEU A 176 4.04 2.57 -7.94
CA LEU A 176 4.59 3.69 -8.67
C LEU A 176 5.10 3.16 -10.00
N THR A 177 4.77 3.83 -11.09
CA THR A 177 5.23 3.38 -12.39
C THR A 177 5.72 4.57 -13.21
N PHE A 178 6.81 4.37 -13.93
CA PHE A 178 7.37 5.40 -14.79
C PHE A 178 7.50 4.80 -16.18
N ASP A 179 7.15 5.59 -17.19
CA ASP A 179 7.25 5.11 -18.57
C ASP A 179 6.64 3.71 -18.69
N GLY A 180 5.43 3.56 -18.17
CA GLY A 180 4.72 2.29 -18.23
C GLY A 180 5.29 1.14 -17.42
N LYS A 181 6.38 1.37 -16.69
CA LYS A 181 7.00 0.31 -15.92
C LYS A 181 6.96 0.58 -14.42
N PRO A 182 6.60 -0.45 -13.63
CA PRO A 182 6.54 -0.33 -12.16
C PRO A 182 7.93 -0.10 -11.55
N VAL A 183 8.04 0.91 -10.70
CA VAL A 183 9.31 1.26 -10.08
C VAL A 183 9.43 0.89 -8.59
N ALA A 184 8.34 1.03 -7.84
CA ALA A 184 8.38 0.73 -6.42
C ALA A 184 6.99 0.80 -5.84
N LEU A 185 6.85 0.22 -4.65
CA LEU A 185 5.59 0.23 -3.92
C LEU A 185 5.73 1.36 -2.90
N ALA A 186 5.01 2.45 -3.12
CA ALA A 186 5.06 3.60 -2.24
C ALA A 186 3.79 3.73 -1.43
N GLY A 187 3.97 3.98 -0.13
CA GLY A 187 2.83 4.15 0.73
C GLY A 187 3.24 5.06 1.86
N SER A 188 2.27 5.49 2.67
CA SER A 188 2.54 6.32 3.84
C SER A 188 3.08 5.40 4.92
N TYR A 189 3.63 5.95 5.99
CA TYR A 189 4.12 5.12 7.09
C TYR A 189 2.93 4.29 7.54
N PRO A 190 3.11 2.96 7.67
CA PRO A 190 1.98 2.13 8.10
C PRO A 190 1.30 2.69 9.33
N LYS A 191 -0.03 2.64 9.32
CA LYS A 191 -0.83 3.13 10.43
C LYS A 191 -0.59 2.18 11.60
N ASN A 192 -0.59 2.72 12.81
CA ASN A 192 -0.33 1.91 14.00
C ASN A 192 -1.56 1.18 14.54
N THR A 193 -1.89 0.10 13.85
CA THR A 193 -3.04 -0.72 14.16
C THR A 193 -2.69 -2.14 13.71
N PRO A 194 -2.98 -3.14 14.54
CA PRO A 194 -2.70 -4.53 14.22
C PRO A 194 -3.16 -4.92 12.81
N ASP A 195 -4.33 -4.44 12.39
CA ASP A 195 -4.82 -4.76 11.05
C ASP A 195 -3.96 -4.11 9.98
N ALA A 196 -3.63 -2.83 10.15
CA ALA A 196 -2.83 -2.13 9.16
C ALA A 196 -1.42 -2.74 9.05
N LEU A 197 -0.84 -3.10 10.19
CA LEU A 197 0.50 -3.67 10.16
C LEU A 197 0.44 -5.08 9.61
N GLU A 198 -0.60 -5.82 9.95
CA GLU A 198 -0.71 -7.16 9.39
C GLU A 198 -0.78 -7.08 7.86
N ALA A 199 -1.57 -6.13 7.35
CA ALA A 199 -1.72 -5.97 5.91
C ALA A 199 -0.38 -5.55 5.29
N HIS A 200 0.32 -4.66 5.97
CA HIS A 200 1.62 -4.20 5.49
C HIS A 200 2.56 -5.38 5.34
N MET A 201 2.71 -6.17 6.38
CA MET A 201 3.61 -7.32 6.34
C MET A 201 3.17 -8.36 5.33
N LYS A 202 1.88 -8.69 5.29
CA LYS A 202 1.38 -9.68 4.33
C LYS A 202 1.82 -9.25 2.94
N MET A 203 1.66 -7.95 2.65
CA MET A 203 2.05 -7.40 1.35
C MET A 203 3.53 -7.58 1.08
N LEU A 204 4.33 -7.33 2.10
CA LEU A 204 5.76 -7.45 1.96
C LEU A 204 6.10 -8.88 1.55
N LEU A 205 5.53 -9.85 2.26
CA LEU A 205 5.78 -11.26 1.97
C LEU A 205 5.20 -11.72 0.63
N GLU A 206 3.96 -11.35 0.34
CA GLU A 206 3.33 -11.76 -0.92
C GLU A 206 3.91 -11.11 -2.15
N LYS A 207 4.13 -9.80 -2.08
CA LYS A 207 4.70 -9.10 -3.23
C LYS A 207 6.20 -9.34 -3.30
N GLU A 208 6.74 -10.00 -2.28
CA GLU A 208 8.16 -10.27 -2.22
C GLU A 208 8.98 -9.06 -2.64
N CYS A 209 8.87 -7.98 -1.86
CA CYS A 209 9.58 -6.76 -2.17
C CYS A 209 11.09 -6.95 -2.02
N SER A 210 11.85 -6.41 -2.97
CA SER A 210 13.30 -6.53 -2.93
C SER A 210 13.87 -6.01 -1.63
N CYS A 211 13.30 -4.92 -1.11
CA CYS A 211 13.75 -4.37 0.17
C CYS A 211 12.78 -3.35 0.73
N LEU A 212 12.90 -3.08 2.02
CA LEU A 212 12.04 -2.11 2.68
C LEU A 212 12.93 -0.91 2.89
N VAL A 213 12.43 0.27 2.57
CA VAL A 213 13.21 1.48 2.73
C VAL A 213 12.44 2.52 3.55
N VAL A 214 12.84 2.67 4.80
CA VAL A 214 12.21 3.60 5.73
C VAL A 214 13.02 4.90 5.79
N LEU A 215 12.37 6.01 5.46
CA LEU A 215 13.03 7.32 5.41
C LEU A 215 12.86 8.26 6.60
N THR A 216 11.91 7.96 7.50
CA THR A 216 11.65 8.79 8.67
C THR A 216 12.79 8.66 9.68
N SER A 217 13.25 9.80 10.21
CA SER A 217 14.35 9.81 11.18
C SER A 217 13.91 9.32 12.54
N GLU A 218 14.89 9.03 13.39
CA GLU A 218 14.59 8.56 14.72
C GLU A 218 13.79 9.62 15.46
N ASP A 219 14.13 10.88 15.22
CA ASP A 219 13.43 11.99 15.86
C ASP A 219 12.00 12.13 15.38
N GLN A 220 11.74 11.87 14.10
CA GLN A 220 10.39 11.99 13.58
C GLN A 220 9.53 10.83 14.04
N MET A 221 10.14 9.64 14.07
CA MET A 221 9.46 8.44 14.53
C MET A 221 9.06 8.61 15.99
N GLN A 222 9.95 9.26 16.75
CA GLN A 222 9.72 9.51 18.17
C GLN A 222 9.06 10.85 18.40
N ALA A 223 8.21 11.30 17.47
CA ALA A 223 7.54 12.57 17.65
C ALA A 223 6.10 12.43 17.20
N LYS A 224 5.89 11.44 16.33
CA LYS A 224 4.55 11.15 15.81
C LYS A 224 4.21 9.73 16.21
N GLN A 225 5.08 9.16 17.04
CA GLN A 225 4.91 7.79 17.52
C GLN A 225 4.68 6.80 16.39
N LEU A 226 5.64 6.74 15.47
CA LEU A 226 5.54 5.79 14.36
C LEU A 226 6.11 4.48 14.88
N PRO A 227 5.41 3.36 14.68
CA PRO A 227 5.92 2.07 15.17
C PRO A 227 7.22 1.55 14.56
N PRO A 228 8.23 1.28 15.40
CA PRO A 228 9.50 0.76 14.87
C PRO A 228 9.28 -0.72 14.58
N TYR A 229 8.29 -0.99 13.75
CA TYR A 229 7.88 -2.34 13.40
C TYR A 229 8.94 -3.13 12.67
N PHE A 230 9.94 -2.44 12.17
CA PHE A 230 11.01 -3.08 11.43
C PHE A 230 12.24 -3.38 12.30
N ARG A 231 12.10 -3.18 13.60
CA ARG A 231 13.22 -3.43 14.51
C ARG A 231 13.22 -4.76 15.25
N GLY A 232 12.22 -5.01 16.08
CA GLY A 232 12.23 -6.27 16.81
C GLY A 232 11.39 -7.43 16.27
N SER A 233 10.74 -8.11 17.21
CA SER A 233 9.89 -9.25 16.90
C SER A 233 8.48 -8.84 17.25
N TYR A 234 7.55 -9.04 16.32
CA TYR A 234 6.17 -8.70 16.53
C TYR A 234 5.30 -9.73 15.84
N THR A 235 4.07 -9.89 16.31
CA THR A 235 3.13 -10.79 15.69
C THR A 235 1.93 -9.91 15.32
N PHE A 236 1.71 -9.74 14.03
CA PHE A 236 0.61 -8.94 13.54
C PHE A 236 -0.35 -9.90 12.86
N GLY A 237 -1.29 -10.45 13.61
CA GLY A 237 -2.25 -11.38 13.05
C GLY A 237 -1.66 -12.73 12.68
N GLU A 238 -1.80 -13.09 11.40
CA GLU A 238 -1.29 -14.37 10.89
C GLU A 238 0.16 -14.27 10.46
N VAL A 239 0.72 -13.06 10.53
CA VAL A 239 2.10 -12.85 10.11
C VAL A 239 3.04 -12.54 11.27
N HIS A 240 4.19 -13.20 11.29
CA HIS A 240 5.18 -12.93 12.33
C HIS A 240 6.37 -12.26 11.67
N THR A 241 7.01 -11.34 12.38
CA THR A 241 8.17 -10.67 11.83
C THR A 241 9.30 -10.65 12.83
N ASN A 242 10.50 -10.97 12.37
CA ASN A 242 11.67 -10.94 13.23
C ASN A 242 12.76 -10.22 12.46
N SER A 243 13.14 -9.05 12.93
CA SER A 243 14.16 -8.26 12.25
C SER A 243 15.39 -8.02 13.11
N GLN A 244 16.53 -8.54 12.66
CA GLN A 244 17.78 -8.34 13.39
C GLN A 244 18.70 -7.38 12.63
N LYS A 245 19.21 -6.38 13.34
CA LYS A 245 20.11 -5.39 12.77
C LYS A 245 21.35 -6.08 12.22
N VAL A 246 21.89 -5.54 11.13
CA VAL A 246 23.09 -6.09 10.52
C VAL A 246 24.23 -5.12 10.86
N SER A 247 24.83 -5.33 12.03
CA SER A 247 25.91 -4.47 12.52
C SER A 247 26.94 -4.07 11.47
N SER A 248 27.40 -5.04 10.68
CA SER A 248 28.39 -4.77 9.64
C SER A 248 27.99 -3.67 8.67
N ALA A 249 26.70 -3.60 8.33
CA ALA A 249 26.20 -2.60 7.40
C ALA A 249 25.46 -1.43 8.06
N SER A 250 25.40 -1.42 9.39
CA SER A 250 24.72 -0.35 10.10
C SER A 250 25.71 0.53 10.85
N GLN A 251 26.99 0.34 10.55
CA GLN A 251 28.06 1.09 11.20
C GLN A 251 28.08 2.54 10.75
N GLY A 252 27.92 2.73 9.44
CA GLY A 252 27.92 4.08 8.89
C GLY A 252 27.00 5.01 9.65
N GLU A 253 27.38 6.29 9.70
CA GLU A 253 26.58 7.30 10.39
C GLU A 253 25.55 7.87 9.42
N ALA A 254 24.60 7.05 9.01
CA ALA A 254 23.58 7.50 8.06
C ALA A 254 22.55 6.42 7.74
N ILE A 255 22.97 5.15 7.86
CA ILE A 255 22.07 4.05 7.56
C ILE A 255 22.15 2.87 8.51
N ASP A 256 20.99 2.34 8.84
CA ASP A 256 20.90 1.16 9.69
C ASP A 256 20.23 0.14 8.78
N GLN A 257 20.87 -1.02 8.59
CA GLN A 257 20.31 -2.06 7.75
C GLN A 257 19.93 -3.27 8.60
N TYR A 258 18.78 -3.85 8.31
CA TYR A 258 18.31 -5.03 9.04
C TYR A 258 18.02 -6.14 8.08
N ASN A 259 17.75 -7.32 8.63
CA ASN A 259 17.37 -8.46 7.81
C ASN A 259 16.07 -8.87 8.47
N MET A 260 14.97 -8.72 7.74
CA MET A 260 13.66 -9.02 8.28
C MET A 260 13.06 -10.34 7.83
N GLN A 261 12.86 -11.24 8.78
CA GLN A 261 12.30 -12.54 8.46
C GLN A 261 10.82 -12.56 8.79
N LEU A 262 10.02 -12.67 7.73
CA LEU A 262 8.57 -12.73 7.84
C LEU A 262 8.13 -14.20 7.74
N SER A 263 7.14 -14.57 8.56
CA SER A 263 6.61 -15.92 8.59
C SER A 263 5.09 -15.85 8.59
N CYS A 264 4.46 -16.73 7.82
CA CYS A 264 3.01 -16.77 7.72
C CYS A 264 2.63 -18.16 7.21
N GLY A 265 2.10 -18.98 8.10
CA GLY A 265 1.76 -20.34 7.72
C GLY A 265 3.01 -21.11 7.31
N GLU A 266 2.96 -21.75 6.15
CA GLU A 266 4.09 -22.50 5.65
C GLU A 266 5.06 -21.61 4.90
N LYS A 267 4.71 -20.34 4.75
CA LYS A 267 5.54 -19.40 4.00
C LYS A 267 6.54 -18.61 4.85
N ARG A 268 7.71 -18.38 4.28
CA ARG A 268 8.77 -17.62 4.94
C ARG A 268 9.37 -16.71 3.88
N TYR A 269 9.92 -15.58 4.30
CA TYR A 269 10.54 -14.65 3.36
C TYR A 269 11.32 -13.59 4.13
N THR A 270 12.58 -13.42 3.73
CA THR A 270 13.49 -12.46 4.34
C THR A 270 13.69 -11.28 3.40
N ILE A 271 13.42 -10.08 3.89
CA ILE A 271 13.56 -8.89 3.09
C ILE A 271 14.49 -7.92 3.78
N PRO A 272 15.54 -7.46 3.09
CA PRO A 272 16.45 -6.52 3.72
C PRO A 272 15.73 -5.20 3.97
N VAL A 273 16.15 -4.51 5.02
CA VAL A 273 15.55 -3.25 5.39
C VAL A 273 16.62 -2.20 5.46
N LEU A 274 16.34 -1.05 4.85
CA LEU A 274 17.26 0.07 4.89
C LEU A 274 16.59 1.24 5.58
N HIS A 275 17.12 1.62 6.74
CA HIS A 275 16.57 2.72 7.50
C HIS A 275 17.50 3.91 7.42
N VAL A 276 17.06 4.98 6.77
CA VAL A 276 17.85 6.18 6.62
C VAL A 276 17.60 7.06 7.83
N LYS A 277 18.67 7.49 8.50
CA LYS A 277 18.51 8.32 9.69
C LYS A 277 18.83 9.79 9.51
N ASN A 278 19.54 10.14 8.43
CA ASN A 278 19.94 11.53 8.20
C ASN A 278 19.17 12.32 7.13
N TRP A 279 17.93 11.94 6.86
CA TRP A 279 17.15 12.65 5.84
C TRP A 279 16.00 13.42 6.49
N PRO A 280 16.23 14.70 6.82
CA PRO A 280 15.20 15.52 7.44
C PRO A 280 13.99 15.70 6.53
N ASP A 281 12.80 15.56 7.09
CA ASP A 281 11.58 15.69 6.30
C ASP A 281 11.46 17.06 5.63
N HIS A 282 10.81 17.08 4.47
CA HIS A 282 10.61 18.33 3.71
C HIS A 282 11.92 18.93 3.23
N GLN A 283 13.01 18.16 3.26
CA GLN A 283 14.29 18.67 2.79
C GLN A 283 15.09 17.63 2.04
N PRO A 284 16.08 18.08 1.25
CA PRO A 284 16.91 17.13 0.50
C PRO A 284 18.01 16.59 1.40
N LEU A 285 18.72 15.58 0.93
CA LEU A 285 19.81 15.03 1.70
C LEU A 285 20.94 16.05 1.74
N PRO A 286 21.78 16.02 2.78
CA PRO A 286 22.92 16.93 2.96
C PRO A 286 23.71 17.18 1.69
N SER A 287 24.00 16.12 0.94
CA SER A 287 24.75 16.23 -0.30
C SER A 287 24.17 15.35 -1.41
N THR A 288 24.39 15.75 -2.65
CA THR A 288 23.89 15.01 -3.80
C THR A 288 24.49 13.61 -3.81
N ASP A 289 25.69 13.48 -3.24
CA ASP A 289 26.38 12.20 -3.20
C ASP A 289 25.69 11.20 -2.28
N GLN A 290 25.05 11.70 -1.23
CA GLN A 290 24.34 10.83 -0.29
C GLN A 290 23.10 10.24 -0.94
N LEU A 291 22.49 11.00 -1.84
CA LEU A 291 21.31 10.51 -2.53
C LEU A 291 21.75 9.38 -3.44
N GLU A 292 22.78 9.64 -4.24
CA GLU A 292 23.30 8.63 -5.15
C GLU A 292 23.72 7.37 -4.38
N TYR A 293 24.37 7.59 -3.23
CA TYR A 293 24.81 6.49 -2.38
C TYR A 293 23.58 5.70 -1.92
N LEU A 294 22.56 6.43 -1.48
CA LEU A 294 21.31 5.82 -1.03
C LEU A 294 20.75 4.96 -2.14
N ALA A 295 20.69 5.54 -3.33
CA ALA A 295 20.18 4.85 -4.50
C ALA A 295 20.97 3.55 -4.76
N ASP A 296 22.29 3.62 -4.60
CA ASP A 296 23.13 2.44 -4.81
C ASP A 296 22.82 1.31 -3.83
N ARG A 297 22.86 1.61 -2.53
CA ARG A 297 22.59 0.58 -1.52
C ARG A 297 21.22 -0.03 -1.64
N VAL A 298 20.25 0.74 -2.13
CA VAL A 298 18.91 0.21 -2.30
C VAL A 298 18.95 -0.75 -3.47
N LYS A 299 19.66 -0.35 -4.52
CA LYS A 299 19.78 -1.19 -5.69
C LYS A 299 20.68 -2.39 -5.43
N ASN A 300 21.63 -2.23 -4.51
CA ASN A 300 22.54 -3.31 -4.19
C ASN A 300 22.18 -3.98 -2.86
N SER A 301 20.96 -4.53 -2.77
CA SER A 301 20.52 -5.21 -1.56
C SER A 301 19.62 -6.40 -1.90
N ASN A 302 19.14 -6.44 -3.15
CA ASN A 302 18.30 -7.55 -3.61
C ASN A 302 18.28 -7.53 -5.13
N GLN A 303 17.73 -6.44 -5.67
CA GLN A 303 17.63 -6.22 -7.12
C GLN A 303 17.16 -7.44 -7.94
N ASN A 304 16.42 -8.34 -7.30
CA ASN A 304 15.94 -9.49 -8.04
C ASN A 304 14.76 -9.08 -8.92
N GLY A 305 14.00 -10.04 -9.43
CA GLY A 305 12.89 -9.69 -10.30
C GLY A 305 13.37 -9.80 -11.74
N ALA A 306 12.54 -10.39 -12.59
CA ALA A 306 12.91 -10.59 -13.98
C ALA A 306 12.36 -9.54 -14.92
N PRO A 307 13.22 -9.02 -15.82
CA PRO A 307 12.78 -7.99 -16.77
C PRO A 307 11.50 -8.44 -17.50
N GLY A 308 10.60 -7.48 -17.73
CA GLY A 308 9.34 -7.77 -18.42
C GLY A 308 8.47 -8.86 -17.83
N ARG A 309 8.66 -9.16 -16.55
CA ARG A 309 7.89 -10.18 -15.87
C ARG A 309 6.40 -9.83 -15.82
N SER A 310 5.56 -10.85 -15.91
CA SER A 310 4.10 -10.69 -15.88
C SER A 310 3.66 -10.08 -14.54
N SER A 311 4.31 -10.52 -13.47
CA SER A 311 4.01 -10.00 -12.14
C SER A 311 5.00 -8.87 -11.91
N SER A 312 4.85 -7.81 -12.71
CA SER A 312 5.72 -6.65 -12.63
C SER A 312 5.55 -5.98 -11.28
N ASP A 313 4.61 -6.50 -10.51
CA ASP A 313 4.26 -6.03 -9.18
C ASP A 313 5.19 -6.57 -8.06
N LYS A 314 5.97 -7.60 -8.37
CA LYS A 314 6.85 -8.24 -7.39
C LYS A 314 8.34 -7.88 -7.49
N HIS A 315 9.07 -8.08 -6.39
CA HIS A 315 10.50 -7.81 -6.36
C HIS A 315 10.85 -6.34 -6.58
N LEU A 316 10.03 -5.45 -6.04
CA LEU A 316 10.26 -4.02 -6.13
C LEU A 316 10.48 -3.49 -4.70
N PRO A 317 11.26 -2.41 -4.56
CA PRO A 317 11.46 -1.92 -3.20
C PRO A 317 10.20 -1.22 -2.70
N MET A 318 9.90 -1.40 -1.43
CA MET A 318 8.75 -0.78 -0.79
C MET A 318 9.35 0.42 -0.09
N ILE A 319 8.89 1.60 -0.44
CA ILE A 319 9.44 2.80 0.14
C ILE A 319 8.38 3.59 0.88
N HIS A 320 8.78 4.16 2.01
CA HIS A 320 7.87 5.02 2.77
C HIS A 320 8.60 5.95 3.72
N CYS A 321 8.05 7.16 3.86
CA CYS A 321 8.55 8.17 4.77
C CYS A 321 7.33 8.34 5.65
N LEU A 322 6.86 9.57 5.88
CA LEU A 322 5.66 9.74 6.69
C LEU A 322 4.48 9.66 5.73
N GLY A 323 4.47 10.56 4.75
CA GLY A 323 3.43 10.52 3.73
C GLY A 323 4.12 9.78 2.60
N GLY A 324 3.40 8.99 1.81
CA GLY A 324 4.13 8.31 0.74
C GLY A 324 4.27 9.20 -0.48
N VAL A 325 4.76 10.43 -0.31
CA VAL A 325 4.86 11.33 -1.45
C VAL A 325 6.12 12.16 -1.62
N GLY A 326 6.61 12.78 -0.55
CA GLY A 326 7.78 13.63 -0.64
C GLY A 326 9.09 12.89 -0.83
N ARG A 327 9.77 12.61 0.28
CA ARG A 327 11.03 11.91 0.22
C ARG A 327 10.85 10.59 -0.51
N THR A 328 9.72 9.92 -0.28
CA THR A 328 9.44 8.67 -0.96
C THR A 328 9.54 8.87 -2.48
N GLY A 329 8.93 9.94 -2.98
CA GLY A 329 8.98 10.21 -4.42
C GLY A 329 10.39 10.40 -4.95
N THR A 330 11.19 11.14 -4.18
CA THR A 330 12.58 11.41 -4.54
C THR A 330 13.40 10.12 -4.60
N MET A 331 13.32 9.34 -3.53
CA MET A 331 14.04 8.07 -3.46
C MET A 331 13.75 7.22 -4.69
N ALA A 332 12.46 7.10 -5.01
CA ALA A 332 12.05 6.33 -6.17
C ALA A 332 12.63 6.93 -7.44
N ALA A 333 12.55 8.24 -7.55
CA ALA A 333 13.07 8.92 -8.72
C ALA A 333 14.56 8.63 -8.87
N ALA A 334 15.27 8.64 -7.74
CA ALA A 334 16.70 8.40 -7.72
C ALA A 334 17.01 7.01 -8.26
N LEU A 335 16.13 6.05 -8.03
CA LEU A 335 16.33 4.68 -8.50
C LEU A 335 16.11 4.62 -10.01
N VAL A 336 15.32 5.54 -10.53
CA VAL A 336 15.04 5.58 -11.96
C VAL A 336 16.28 6.07 -12.69
N LEU A 337 16.91 7.10 -12.15
CA LEU A 337 18.11 7.64 -12.76
C LEU A 337 19.25 6.62 -12.76
N LYS A 338 19.32 5.79 -11.71
CA LYS A 338 20.36 4.79 -11.64
C LYS A 338 20.11 3.70 -12.67
N ASP A 339 18.85 3.32 -12.85
CA ASP A 339 18.56 2.30 -13.86
C ASP A 339 18.85 2.90 -15.23
N ASN A 340 18.49 4.17 -15.41
CA ASN A 340 18.72 4.87 -16.69
C ASN A 340 18.84 6.37 -16.49
N PRO A 341 20.09 6.87 -16.50
CA PRO A 341 20.39 8.29 -16.35
C PRO A 341 20.22 8.95 -17.70
N HIS A 342 18.98 9.31 -18.02
CA HIS A 342 18.64 9.92 -19.30
C HIS A 342 17.17 10.26 -19.10
N SER A 343 16.53 9.43 -18.26
CA SER A 343 15.13 9.57 -17.92
C SER A 343 14.77 11.02 -17.72
N ASN A 344 13.61 11.38 -18.25
CA ASN A 344 13.13 12.74 -18.12
C ASN A 344 12.48 12.93 -16.74
N LEU A 345 13.21 13.58 -15.84
CA LEU A 345 12.71 13.83 -14.47
C LEU A 345 11.34 14.49 -14.40
N GLU A 346 10.95 15.23 -15.43
CA GLU A 346 9.64 15.85 -15.44
C GLU A 346 8.57 14.80 -15.74
N GLN A 347 8.95 13.80 -16.54
CA GLN A 347 8.04 12.71 -16.89
C GLN A 347 7.98 11.74 -15.72
N VAL A 348 9.10 11.59 -15.02
CA VAL A 348 9.14 10.75 -13.84
C VAL A 348 8.07 11.31 -12.90
N ARG A 349 8.23 12.59 -12.55
CA ARG A 349 7.30 13.25 -11.65
C ARG A 349 5.84 13.11 -12.11
N ALA A 350 5.57 13.38 -13.38
CA ALA A 350 4.21 13.28 -13.90
C ALA A 350 3.68 11.85 -13.84
N ASP A 351 4.54 10.87 -14.15
CA ASP A 351 4.13 9.47 -14.10
C ASP A 351 3.93 8.99 -12.65
N PHE A 352 4.71 9.52 -11.71
CA PHE A 352 4.56 9.17 -10.29
C PHE A 352 3.22 9.75 -9.79
N ARG A 353 2.85 10.92 -10.31
CA ARG A 353 1.60 11.53 -9.86
C ARG A 353 0.37 10.82 -10.40
N ASP A 354 0.47 10.23 -11.59
CA ASP A 354 -0.65 9.48 -12.15
C ASP A 354 -0.76 8.12 -11.47
N SER A 355 0.34 7.57 -10.93
CA SER A 355 0.28 6.25 -10.29
C SER A 355 0.17 6.19 -8.77
N ARG A 356 0.05 7.35 -8.12
CA ARG A 356 -0.18 7.42 -6.68
C ARG A 356 -1.02 8.69 -6.48
N ASN A 357 -0.38 9.85 -6.48
CA ASN A 357 -1.15 11.09 -6.34
C ASN A 357 -0.41 12.38 -6.71
N ASN A 358 -1.18 13.46 -6.79
CA ASN A 358 -0.69 14.78 -7.18
C ASN A 358 0.43 15.34 -6.31
N ARG A 359 0.63 14.77 -5.12
CA ARG A 359 1.66 15.26 -4.22
C ARG A 359 3.03 14.66 -4.37
N MET A 360 3.17 13.62 -5.19
CA MET A 360 4.47 13.00 -5.38
C MET A 360 5.50 14.05 -5.81
N LEU A 361 6.67 14.02 -5.17
CA LEU A 361 7.74 14.94 -5.50
C LEU A 361 7.37 16.42 -5.36
N GLU A 362 6.53 16.77 -4.40
CA GLU A 362 6.22 18.19 -4.20
C GLU A 362 7.52 18.66 -3.55
N ASP A 363 7.71 19.96 -3.37
CA ASP A 363 8.95 20.44 -2.76
C ASP A 363 10.11 20.51 -3.74
N ALA A 364 10.36 21.73 -4.22
CA ALA A 364 11.43 22.00 -5.16
C ALA A 364 12.79 21.54 -4.67
N SER A 365 13.06 21.80 -3.40
CA SER A 365 14.33 21.43 -2.77
C SER A 365 14.86 20.09 -3.28
N GLN A 366 14.05 19.05 -3.09
CA GLN A 366 14.43 17.70 -3.48
C GLN A 366 14.56 17.47 -5.00
N PHE A 367 13.70 18.08 -5.79
CA PHE A 367 13.74 17.93 -7.25
C PHE A 367 15.06 18.49 -7.78
N VAL A 368 15.53 19.58 -7.17
CA VAL A 368 16.78 20.18 -7.60
C VAL A 368 17.94 19.24 -7.36
N GLN A 369 17.88 18.49 -6.25
CA GLN A 369 18.95 17.56 -5.95
C GLN A 369 18.94 16.43 -6.96
N LEU A 370 17.75 16.05 -7.42
CA LEU A 370 17.65 14.99 -8.42
C LEU A 370 18.37 15.47 -9.68
N LYS A 371 18.05 16.68 -10.10
CA LYS A 371 18.68 17.23 -11.29
C LYS A 371 20.20 17.16 -11.11
N ALA A 372 20.68 17.58 -9.97
CA ALA A 372 22.11 17.54 -9.69
C ALA A 372 22.59 16.10 -9.83
N MET A 373 21.83 15.16 -9.27
CA MET A 373 22.19 13.75 -9.34
C MET A 373 22.32 13.27 -10.76
N GLN A 374 21.30 13.56 -11.56
CA GLN A 374 21.30 13.17 -12.96
C GLN A 374 22.53 13.73 -13.65
N ALA A 375 22.86 14.99 -13.36
CA ALA A 375 24.03 15.63 -13.97
C ALA A 375 25.29 14.80 -13.78
N GLN A 376 25.55 14.38 -12.55
CA GLN A 376 26.72 13.57 -12.24
C GLN A 376 26.64 12.23 -12.97
N LEU A 377 25.46 11.62 -13.00
CA LEU A 377 25.30 10.34 -13.67
C LEU A 377 25.53 10.50 -15.17
N LEU A 378 25.18 11.66 -15.71
CA LEU A 378 25.36 11.92 -17.15
C LEU A 378 26.82 12.23 -17.43
N MET A 379 27.46 12.93 -16.50
CA MET A 379 28.88 13.29 -16.62
C MET A 379 29.74 12.03 -16.67
#